data_7EK0
#
_entry.id   7EK0
#
_cell.length_a   81.426
_cell.length_b   149.665
_cell.length_c   146.433
_cell.angle_alpha   90.000
_cell.angle_beta   90.000
_cell.angle_gamma   90.000
#
_symmetry.space_group_name_H-M   'C 2 2 21'
#
loop_
_entity.id
_entity.type
_entity.pdbx_description
1 polymer 'Spike protein S1'
2 polymer 'Heavy Chain of BD-503'
3 polymer 'Light Chain of BD-503'
4 water water
#
loop_
_entity_poly.entity_id
_entity_poly.type
_entity_poly.pdbx_seq_one_letter_code
_entity_poly.pdbx_strand_id
1 'polypeptide(L)'
;RVQPTESIVRFPNITNLCPFGEVFNATRFASVYAWNRKRISNCVADYSVLYNSASFSTFKCYGVSPTKLNDLCFTNVYAD
SFVIRGDEVRQIAPGQTGKIADYNYKLPDDFTGCVIAWNSNNLDSKVGGNYNYLYRLFRKSNLKPFERDISTEIYQAGST
PCNGVEGFNCYFPLQSYGFQPTYGVGYQPYRVVVLSFELLHAPATVCGPKKSTNLVKNKCVNF
;
R
2 'polypeptide(L)'
;EVQLVESGGGLIQPGGSLRLSCAASGLIVSSNYMSWVRQAPGKGLEWVSVLYAGGSTDYAGSVKGRFTISRDNSKNTLYL
QMNSLRAEDTAVYYCARDAAVYGIDVWGQGTTVTVSSASTKGPSVFPLAPSSKSTSGGTAALGCLVKDYFPEPVTVSWNS
GALTSGVHTFPAVLQSSGLYSLSSVVTVPSSSLGTQTYICNVNHKPSNTKVDKKVEPKSCDK
;
H
3 'polypeptide(L)'
;DIQMTQSPSSLSASVGDRVTITCRASQSISSYLNWYQQKPGKAPKLLIYAASSLQSGVPSRFSGSGSGTDFTLTISSLQP
EDFATYYCQQSYTTPLFTFGPGTKVDIKRTVAAPSVFIFPPSDEQLKSGTASVVCLLNNFYPREAKVQWKVDNALQSGNS
QESVTEQDSKDSTYSLSSTLTLSKADYEKHKVYACEVTHQGLSSPVTKSFNRGEC
;
L
#
# COMPACT_ATOMS: atom_id res chain seq x y z
N ASN A 16 -25.92 51.82 14.17
CA ASN A 16 -25.56 50.40 14.27
C ASN A 16 -24.40 50.05 13.37
N LEU A 17 -23.58 49.11 13.82
CA LEU A 17 -22.53 48.56 13.00
C LEU A 17 -22.76 47.05 12.84
N CYS A 18 -21.82 46.39 12.17
CA CYS A 18 -22.18 45.08 11.69
C CYS A 18 -21.91 44.02 12.74
N PRO A 19 -22.86 43.11 12.95
CA PRO A 19 -22.71 42.08 13.99
C PRO A 19 -21.70 41.00 13.66
N PHE A 20 -20.43 41.39 13.52
CA PHE A 20 -19.43 40.37 13.24
C PHE A 20 -19.12 39.51 14.43
N GLY A 21 -19.43 40.02 15.60
CA GLY A 21 -19.15 39.32 16.86
C GLY A 21 -20.10 38.17 17.08
N GLU A 22 -21.29 38.27 16.51
CA GLU A 22 -22.35 37.24 16.61
C GLU A 22 -22.17 36.17 15.52
N VAL A 23 -21.07 36.19 14.80
CA VAL A 23 -20.74 35.19 13.77
C VAL A 23 -19.36 34.66 14.11
N PHE A 24 -18.43 35.51 14.49
CA PHE A 24 -17.08 35.03 14.77
C PHE A 24 -16.99 34.39 16.16
N ASN A 25 -17.73 34.95 17.11
CA ASN A 25 -17.68 34.56 18.52
C ASN A 25 -18.94 33.78 18.93
N ALA A 26 -19.71 33.28 17.97
CA ALA A 26 -20.93 32.59 18.31
C ALA A 26 -20.59 31.29 19.03
N THR A 27 -21.50 30.88 19.93
CA THR A 27 -21.27 29.71 20.79
C THR A 27 -21.08 28.44 19.95
N ARG A 28 -22.12 28.04 19.22
CA ARG A 28 -22.02 26.90 18.31
C ARG A 28 -21.51 27.36 16.94
N PHE A 29 -20.87 26.43 16.22
CA PHE A 29 -20.71 26.52 14.77
C PHE A 29 -21.37 25.33 14.08
N ALA A 30 -21.72 25.54 12.81
CA ALA A 30 -22.36 24.55 11.95
C ALA A 30 -21.38 23.50 11.47
N SER A 31 -21.91 22.35 11.09
CA SER A 31 -21.12 21.39 10.33
C SER A 31 -20.85 21.93 8.92
N VAL A 32 -19.74 21.50 8.34
CA VAL A 32 -19.38 22.01 7.01
C VAL A 32 -20.49 21.70 6.00
N TYR A 33 -21.08 20.50 6.05
CA TYR A 33 -22.08 20.16 5.05
C TYR A 33 -23.32 21.02 5.21
N ALA A 34 -23.60 21.56 6.40
CA ALA A 34 -24.79 22.36 6.58
C ALA A 34 -24.42 23.79 6.98
N TRP A 35 -23.45 24.35 6.26
CA TRP A 35 -22.80 25.58 6.67
C TRP A 35 -23.81 26.69 6.84
N ASN A 36 -23.52 27.54 7.81
CA ASN A 36 -24.37 28.65 8.20
C ASN A 36 -24.08 29.85 7.32
N ARG A 37 -25.10 30.65 7.05
CA ARG A 37 -24.90 31.86 6.27
C ARG A 37 -25.62 33.03 6.91
N LYS A 38 -24.94 34.17 7.00
CA LYS A 38 -25.55 35.38 7.56
C LYS A 38 -25.43 36.55 6.57
N ARG A 39 -26.53 37.27 6.42
CA ARG A 39 -26.68 38.32 5.43
C ARG A 39 -26.51 39.68 6.09
N ILE A 40 -25.42 40.36 5.77
CA ILE A 40 -25.08 41.62 6.43
C ILE A 40 -25.59 42.78 5.59
N SER A 41 -26.33 43.70 6.23
CA SER A 41 -27.05 44.76 5.55
C SER A 41 -27.32 45.95 6.44
N ASN A 42 -27.34 47.15 5.84
CA ASN A 42 -27.60 48.44 6.48
C ASN A 42 -26.79 48.63 7.76
N CYS A 43 -25.48 48.46 7.68
CA CYS A 43 -24.62 48.72 8.82
C CYS A 43 -23.25 49.17 8.31
N VAL A 44 -22.34 49.45 9.25
CA VAL A 44 -20.97 49.84 8.96
C VAL A 44 -20.02 48.85 9.62
N ALA A 45 -18.95 48.50 8.91
CA ALA A 45 -18.10 47.41 9.32
C ALA A 45 -16.65 47.87 9.35
N ASP A 46 -16.00 47.66 10.50
CA ASP A 46 -14.57 47.91 10.63
C ASP A 46 -13.85 46.59 10.41
N TYR A 47 -13.09 46.50 9.34
CA TYR A 47 -12.45 45.22 9.02
C TYR A 47 -11.04 45.14 9.57
N SER A 48 -10.36 46.28 9.68
CA SER A 48 -9.04 46.25 10.29
C SER A 48 -9.11 45.78 11.75
N VAL A 49 -10.26 45.95 12.41
CA VAL A 49 -10.43 45.36 13.75
C VAL A 49 -10.42 43.83 13.69
N LEU A 50 -10.64 43.25 12.51
CA LEU A 50 -10.54 41.81 12.36
C LEU A 50 -9.11 41.38 12.03
N TYR A 51 -8.42 42.14 11.19
CA TYR A 51 -7.06 41.79 10.82
C TYR A 51 -6.03 42.30 11.83
N ASN A 52 -6.39 43.33 12.59
CA ASN A 52 -5.66 43.69 13.82
C ASN A 52 -6.26 43.01 15.04
N SER A 53 -6.53 41.71 14.95
CA SER A 53 -6.75 40.90 16.15
C SER A 53 -5.62 39.92 16.42
N ALA A 54 -4.85 39.56 15.39
CA ALA A 54 -3.69 38.66 15.49
C ALA A 54 -4.06 37.27 15.98
N SER A 55 -5.35 36.94 15.97
CA SER A 55 -5.86 35.72 16.55
C SER A 55 -6.31 34.69 15.52
N PHE A 56 -5.99 34.89 14.25
CA PHE A 56 -6.41 33.98 13.19
C PHE A 56 -5.21 33.26 12.58
N SER A 57 -5.38 31.97 12.30
CA SER A 57 -4.29 31.21 11.69
C SER A 57 -4.29 31.45 10.19
N THR A 58 -5.47 31.72 9.63
CA THR A 58 -5.60 31.96 8.17
C THR A 58 -6.41 33.22 7.95
N PHE A 59 -6.05 34.03 6.97
CA PHE A 59 -6.82 35.24 6.64
C PHE A 59 -6.46 35.69 5.23
N LYS A 60 -6.85 34.92 4.23
CA LYS A 60 -6.53 35.24 2.83
C LYS A 60 -7.70 35.99 2.20
N CYS A 61 -7.42 37.08 1.51
CA CYS A 61 -8.48 37.85 0.86
C CYS A 61 -8.35 37.71 -0.64
N TYR A 62 -9.44 37.65 -1.38
CA TYR A 62 -9.29 37.47 -2.84
C TYR A 62 -10.00 38.60 -3.59
N GLY A 63 -9.41 39.05 -4.68
CA GLY A 63 -10.08 40.13 -5.39
C GLY A 63 -10.25 41.38 -4.60
N VAL A 64 -9.48 41.55 -3.50
CA VAL A 64 -9.58 42.70 -2.62
C VAL A 64 -8.40 42.63 -1.67
N SER A 65 -8.03 43.77 -1.10
CA SER A 65 -6.98 43.78 -0.09
C SER A 65 -7.57 44.17 1.26
N PRO A 66 -7.21 43.44 2.32
CA PRO A 66 -7.89 43.65 3.61
C PRO A 66 -7.82 45.07 4.12
N THR A 67 -6.67 45.72 3.93
CA THR A 67 -6.54 47.11 4.34
C THR A 67 -7.48 48.02 3.55
N LYS A 68 -7.51 47.89 2.20
CA LYS A 68 -8.44 48.73 1.43
C LYS A 68 -9.90 48.48 1.79
N LEU A 69 -10.20 47.44 2.57
CA LEU A 69 -11.58 46.99 2.68
C LEU A 69 -12.45 47.98 3.44
N ASN A 70 -11.85 48.80 4.30
CA ASN A 70 -12.71 49.67 5.10
C ASN A 70 -13.05 50.94 4.33
N ASP A 71 -12.39 51.13 3.19
CA ASP A 71 -12.58 52.24 2.27
C ASP A 71 -13.74 51.99 1.30
N LEU A 72 -14.15 50.74 1.09
CA LEU A 72 -15.06 50.33 0.04
C LEU A 72 -16.50 50.22 0.55
N CYS A 73 -17.45 50.17 -0.38
CA CYS A 73 -18.85 49.87 -0.08
C CYS A 73 -19.30 48.65 -0.86
N PHE A 74 -20.29 47.95 -0.32
CA PHE A 74 -20.90 46.81 -0.99
C PHE A 74 -22.40 46.85 -0.76
N THR A 75 -23.14 46.21 -1.67
CA THR A 75 -24.58 46.18 -1.45
C THR A 75 -24.95 45.14 -0.39
N ASN A 76 -24.28 44.00 -0.39
CA ASN A 76 -24.47 42.99 0.65
C ASN A 76 -23.16 42.26 0.86
N VAL A 77 -22.98 41.79 2.09
CA VAL A 77 -21.86 40.94 2.46
C VAL A 77 -22.44 39.69 3.09
N TYR A 78 -21.88 38.54 2.78
CA TYR A 78 -22.37 37.26 3.28
C TYR A 78 -21.29 36.64 4.14
N ALA A 79 -21.65 36.25 5.37
CA ALA A 79 -20.73 35.55 6.28
C ALA A 79 -21.16 34.10 6.40
N ASP A 80 -20.41 33.20 5.77
CA ASP A 80 -20.61 31.78 6.00
C ASP A 80 -19.63 31.33 7.08
N SER A 81 -20.03 30.31 7.83
CA SER A 81 -19.22 29.83 8.95
C SER A 81 -19.54 28.37 9.19
N PHE A 82 -18.52 27.61 9.58
CA PHE A 82 -18.57 26.16 9.70
C PHE A 82 -17.25 25.67 10.27
N VAL A 83 -17.21 24.41 10.69
CA VAL A 83 -15.99 23.78 11.21
C VAL A 83 -15.50 22.75 10.19
N ILE A 84 -14.18 22.74 9.97
CA ILE A 84 -13.54 21.65 9.26
C ILE A 84 -12.29 21.26 10.03
N ARG A 85 -11.47 20.43 9.40
CA ARG A 85 -10.26 19.92 9.99
C ARG A 85 -9.08 20.73 9.47
N GLY A 86 -7.95 20.66 10.17
CA GLY A 86 -6.77 21.44 9.81
C GLY A 86 -6.28 21.32 8.38
N ASP A 87 -5.90 20.11 7.95
CA ASP A 87 -5.39 19.90 6.60
C ASP A 87 -6.42 20.40 5.58
N GLU A 88 -7.69 20.47 5.99
CA GLU A 88 -8.76 20.85 5.10
C GLU A 88 -9.03 22.33 4.83
N VAL A 89 -8.38 23.26 5.54
CA VAL A 89 -8.58 24.67 5.20
C VAL A 89 -7.96 24.97 3.83
N ARG A 90 -7.00 24.16 3.38
CA ARG A 90 -6.40 24.28 2.05
C ARG A 90 -7.47 24.27 0.95
N GLN A 91 -8.61 23.64 1.22
CA GLN A 91 -9.67 23.50 0.23
C GLN A 91 -10.63 24.68 0.21
N ILE A 92 -10.58 25.58 1.20
CA ILE A 92 -11.49 26.72 1.17
C ILE A 92 -10.79 27.83 0.40
N ALA A 93 -10.52 27.54 -0.87
CA ALA A 93 -9.88 28.47 -1.78
C ALA A 93 -10.52 28.30 -3.15
N PRO A 94 -10.46 29.33 -3.99
CA PRO A 94 -10.86 29.15 -5.38
C PRO A 94 -10.01 28.08 -6.04
N GLY A 95 -10.65 27.25 -6.84
CA GLY A 95 -9.93 26.21 -7.57
C GLY A 95 -9.37 25.06 -6.75
N GLN A 96 -10.03 24.66 -5.68
CA GLN A 96 -9.57 23.51 -4.92
C GLN A 96 -10.45 22.30 -5.15
N THR A 97 -9.85 21.12 -5.06
CA THR A 97 -10.55 19.86 -5.05
C THR A 97 -10.28 19.13 -3.73
N GLY A 98 -11.02 18.06 -3.50
CA GLY A 98 -11.07 17.38 -2.22
C GLY A 98 -12.49 17.27 -1.71
N LYS A 99 -12.66 16.37 -0.74
CA LYS A 99 -14.02 16.06 -0.30
C LYS A 99 -14.72 17.27 0.31
N ILE A 100 -13.98 18.23 0.88
CA ILE A 100 -14.66 19.40 1.42
C ILE A 100 -15.09 20.33 0.30
N ALA A 101 -14.13 20.72 -0.56
CA ALA A 101 -14.43 21.66 -1.64
C ALA A 101 -15.31 21.06 -2.72
N ASP A 102 -15.28 19.73 -2.92
CA ASP A 102 -16.12 19.11 -3.93
C ASP A 102 -17.53 18.85 -3.42
N TYR A 103 -17.64 18.42 -2.17
CA TYR A 103 -18.86 17.79 -1.68
C TYR A 103 -19.46 18.49 -0.49
N ASN A 104 -18.90 19.61 -0.03
CA ASN A 104 -19.41 20.23 1.19
C ASN A 104 -19.46 21.76 1.05
N TYR A 105 -18.39 22.39 0.57
CA TYR A 105 -18.41 23.83 0.40
C TYR A 105 -17.47 24.23 -0.73
N LYS A 106 -18.00 24.88 -1.77
CA LYS A 106 -17.19 25.23 -2.93
C LYS A 106 -17.23 26.74 -3.11
N LEU A 107 -16.07 27.33 -3.31
CA LEU A 107 -15.86 28.72 -3.69
C LEU A 107 -15.73 28.80 -5.21
N PRO A 108 -16.29 29.83 -5.83
CA PRO A 108 -16.18 29.95 -7.30
C PRO A 108 -14.77 30.35 -7.69
N ASP A 109 -14.45 30.18 -8.97
CA ASP A 109 -13.11 30.51 -9.43
C ASP A 109 -12.82 32.01 -9.37
N ASP A 110 -13.85 32.85 -9.32
CA ASP A 110 -13.70 34.29 -9.31
C ASP A 110 -14.18 34.88 -7.99
N PHE A 111 -13.95 34.14 -6.91
CA PHE A 111 -14.40 34.60 -5.61
C PHE A 111 -13.76 35.94 -5.26
N THR A 112 -14.55 36.82 -4.65
CA THR A 112 -14.03 38.07 -4.12
C THR A 112 -14.46 38.19 -2.65
N GLY A 113 -13.47 38.18 -1.76
CA GLY A 113 -13.73 38.11 -0.33
C GLY A 113 -12.58 37.44 0.41
N CYS A 114 -12.87 37.05 1.65
CA CYS A 114 -11.83 36.65 2.60
C CYS A 114 -12.22 35.35 3.29
N VAL A 115 -11.25 34.46 3.43
CA VAL A 115 -11.39 33.17 4.11
C VAL A 115 -10.62 33.27 5.42
N ILE A 116 -11.34 33.28 6.54
CA ILE A 116 -10.74 33.49 7.86
C ILE A 116 -10.87 32.23 8.68
N ALA A 117 -9.74 31.66 9.09
CA ALA A 117 -9.78 30.45 9.88
C ALA A 117 -8.96 30.63 11.15
N TRP A 118 -9.27 29.79 12.14
CA TRP A 118 -8.53 29.80 13.39
C TRP A 118 -8.72 28.47 14.09
N ASN A 119 -7.81 28.16 15.00
CA ASN A 119 -7.78 26.88 15.75
C ASN A 119 -8.91 26.84 16.78
N SER A 120 -9.76 25.84 16.71
CA SER A 120 -10.90 25.79 17.65
C SER A 120 -10.80 24.53 18.48
N ASN A 121 -9.60 23.95 18.57
CA ASN A 121 -9.36 22.73 19.36
C ASN A 121 -9.81 22.89 20.82
N ASN A 122 -9.68 24.08 21.39
CA ASN A 122 -10.11 24.44 22.75
C ASN A 122 -11.62 24.30 22.93
N LEU A 123 -12.43 24.45 21.89
CA LEU A 123 -13.89 24.49 22.19
C LEU A 123 -14.70 23.40 21.53
N ASP A 124 -14.22 22.89 20.42
CA ASP A 124 -15.03 22.00 19.60
C ASP A 124 -14.49 20.58 19.57
N SER A 125 -13.66 20.21 20.54
CA SER A 125 -13.02 18.89 20.53
C SER A 125 -12.92 18.42 21.97
N LYS A 126 -13.86 17.60 22.39
CA LYS A 126 -13.95 17.11 23.78
C LYS A 126 -13.48 15.66 23.89
N VAL A 127 -13.16 15.21 25.09
CA VAL A 127 -12.65 13.83 25.30
C VAL A 127 -13.81 12.84 25.23
N GLY A 128 -13.63 11.74 24.53
CA GLY A 128 -14.73 10.78 24.35
C GLY A 128 -15.18 10.83 22.91
N GLY A 129 -15.22 12.05 22.41
CA GLY A 129 -15.45 12.37 21.00
C GLY A 129 -16.40 13.52 20.86
N ASN A 130 -16.09 14.45 19.98
CA ASN A 130 -17.12 15.47 19.66
C ASN A 130 -17.69 15.02 18.34
N TYR A 131 -18.76 14.25 18.38
CA TYR A 131 -19.34 13.71 17.15
C TYR A 131 -20.47 14.58 16.64
N ASN A 132 -20.54 15.84 17.07
CA ASN A 132 -21.54 16.76 16.54
C ASN A 132 -21.19 17.23 15.13
N TYR A 133 -19.90 17.31 14.78
CA TYR A 133 -19.48 17.92 13.53
C TYR A 133 -19.37 16.87 12.44
N LEU A 134 -20.08 17.08 11.34
CA LEU A 134 -20.13 16.11 10.26
C LEU A 134 -19.69 16.74 8.96
N TYR A 135 -19.51 15.88 7.97
CA TYR A 135 -19.15 16.28 6.61
C TYR A 135 -19.68 15.23 5.65
N ARG A 136 -20.05 15.67 4.46
CA ARG A 136 -20.53 14.73 3.47
C ARG A 136 -19.34 13.99 2.93
N LEU A 137 -19.39 12.66 2.98
CA LEU A 137 -18.30 11.85 2.49
C LEU A 137 -18.59 11.26 1.12
N PHE A 138 -19.87 11.10 0.79
CA PHE A 138 -20.27 10.50 -0.47
C PHE A 138 -21.18 11.46 -1.22
N ARG A 139 -20.84 11.72 -2.48
CA ARG A 139 -21.69 12.47 -3.37
C ARG A 139 -21.39 12.06 -4.80
N LYS A 140 -22.43 12.07 -5.62
CA LYS A 140 -22.33 11.61 -6.99
C LYS A 140 -21.66 12.62 -7.93
N SER A 141 -21.53 13.88 -7.52
CA SER A 141 -21.04 14.92 -8.42
C SER A 141 -20.73 16.18 -7.61
N ASN A 142 -19.87 17.01 -8.20
CA ASN A 142 -19.31 18.15 -7.48
C ASN A 142 -20.34 19.26 -7.26
N LEU A 143 -20.22 19.92 -6.11
CA LEU A 143 -21.11 21.03 -5.75
C LEU A 143 -20.92 22.20 -6.69
N LYS A 144 -21.94 22.98 -6.86
CA LYS A 144 -21.70 24.24 -7.53
C LYS A 144 -21.38 25.29 -6.49
N PRO A 145 -20.70 26.37 -6.88
CA PRO A 145 -20.28 27.37 -5.88
C PRO A 145 -21.44 27.87 -5.02
N PHE A 146 -21.23 27.81 -3.71
CA PHE A 146 -22.22 28.23 -2.72
C PHE A 146 -23.45 27.32 -2.69
N GLU A 147 -23.31 26.08 -3.13
CA GLU A 147 -24.39 25.13 -2.98
C GLU A 147 -24.35 24.49 -1.61
N ARG A 148 -25.52 24.12 -1.12
CA ARG A 148 -25.67 23.61 0.24
C ARG A 148 -26.49 22.33 0.18
N ASP A 149 -25.82 21.18 0.25
CA ASP A 149 -26.50 19.89 0.22
C ASP A 149 -26.79 19.43 1.65
N ILE A 150 -28.07 19.26 1.95
CA ILE A 150 -28.49 18.82 3.26
C ILE A 150 -29.16 17.47 3.23
N SER A 151 -29.33 16.85 2.06
CA SER A 151 -30.05 15.59 2.06
C SER A 151 -29.28 14.59 2.91
N THR A 152 -30.03 13.69 3.54
CA THR A 152 -29.43 12.60 4.31
C THR A 152 -29.87 11.24 3.76
N GLU A 153 -30.26 11.19 2.47
CA GLU A 153 -30.56 9.93 1.78
C GLU A 153 -29.42 8.94 1.95
N ILE A 154 -29.74 7.66 1.88
CA ILE A 154 -28.68 6.68 1.71
C ILE A 154 -28.05 6.87 0.34
N TYR A 155 -26.73 6.75 0.25
CA TYR A 155 -26.01 7.00 -0.99
C TYR A 155 -25.96 5.75 -1.85
N GLN A 156 -26.38 5.87 -3.11
CA GLN A 156 -26.52 4.73 -3.99
C GLN A 156 -25.26 4.59 -4.84
N ALA A 157 -24.32 3.78 -4.36
CA ALA A 157 -23.06 3.55 -5.07
C ALA A 157 -23.19 2.50 -6.15
N GLY A 158 -24.28 1.72 -6.14
CA GLY A 158 -24.55 0.74 -7.14
C GLY A 158 -25.72 1.11 -8.01
N SER A 159 -26.25 0.12 -8.72
CA SER A 159 -27.33 0.37 -9.64
C SER A 159 -28.70 0.06 -9.05
N THR A 160 -28.76 -0.83 -8.04
CA THR A 160 -29.96 -1.14 -7.28
C THR A 160 -30.17 -0.15 -6.13
N PRO A 161 -31.33 0.51 -6.05
CA PRO A 161 -31.54 1.54 -5.01
C PRO A 161 -31.45 0.98 -3.59
N CYS A 162 -31.28 1.89 -2.65
CA CYS A 162 -31.02 1.52 -1.26
C CYS A 162 -32.27 1.35 -0.43
N ASN A 163 -33.32 2.12 -0.72
CA ASN A 163 -34.55 2.08 0.07
C ASN A 163 -34.24 2.24 1.55
N GLY A 164 -33.64 3.38 1.87
CA GLY A 164 -33.27 3.75 3.24
C GLY A 164 -32.61 2.70 4.12
N VAL A 165 -31.91 1.73 3.54
CA VAL A 165 -31.22 0.72 4.33
C VAL A 165 -29.73 0.81 4.02
N GLU A 166 -28.90 0.85 5.06
CA GLU A 166 -27.46 0.84 4.88
C GLU A 166 -27.00 -0.58 4.62
N GLY A 167 -26.01 -0.72 3.76
CA GLY A 167 -25.51 -2.03 3.38
C GLY A 167 -24.61 -1.91 2.16
N PHE A 168 -24.33 -3.06 1.55
CA PHE A 168 -23.47 -3.05 0.37
C PHE A 168 -23.99 -2.05 -0.64
N ASN A 169 -23.06 -1.30 -1.23
CA ASN A 169 -23.37 -0.25 -2.21
C ASN A 169 -24.33 0.79 -1.66
N CYS A 170 -24.55 0.82 -0.35
CA CYS A 170 -25.62 1.64 0.23
C CYS A 170 -25.12 2.30 1.50
N TYR A 171 -24.57 3.50 1.34
CA TYR A 171 -23.78 4.17 2.38
C TYR A 171 -24.52 5.38 2.96
N PHE A 172 -24.39 5.55 4.27
CA PHE A 172 -24.83 6.79 4.87
C PHE A 172 -23.87 7.88 4.42
N PRO A 173 -24.37 9.04 3.97
CA PRO A 173 -23.51 10.00 3.26
C PRO A 173 -22.70 10.91 4.15
N LEU A 174 -23.16 11.19 5.38
CA LEU A 174 -22.42 12.05 6.30
C LEU A 174 -21.61 11.17 7.24
N GLN A 175 -20.43 11.63 7.63
CA GLN A 175 -19.58 10.89 8.60
C GLN A 175 -19.06 11.89 9.60
N SER A 176 -18.77 11.46 10.81
CA SER A 176 -18.33 12.40 11.87
C SER A 176 -16.83 12.59 11.88
N TYR A 177 -16.44 13.68 12.53
CA TYR A 177 -15.03 14.10 12.67
C TYR A 177 -14.43 13.41 13.89
N GLY A 178 -15.12 13.47 15.02
CA GLY A 178 -14.60 12.84 16.25
C GLY A 178 -13.47 13.68 16.78
N PHE A 179 -13.78 14.83 17.35
CA PHE A 179 -12.67 15.71 17.75
C PHE A 179 -12.45 15.74 19.27
N GLN A 180 -11.28 15.29 19.69
CA GLN A 180 -10.82 15.41 21.10
C GLN A 180 -9.98 16.69 21.20
N PRO A 181 -9.43 17.01 22.38
CA PRO A 181 -8.55 18.17 22.56
C PRO A 181 -7.11 17.68 22.62
N THR A 182 -6.87 16.50 22.08
CA THR A 182 -5.55 15.83 22.12
C THR A 182 -5.24 15.32 20.72
N TYR A 183 -4.64 16.15 19.85
CA TYR A 183 -4.43 15.61 18.48
C TYR A 183 -3.06 15.94 17.88
N GLY A 184 -2.98 15.83 16.56
CA GLY A 184 -1.77 15.96 15.68
C GLY A 184 -1.36 17.35 15.26
N VAL A 185 -2.09 17.98 14.32
CA VAL A 185 -1.89 19.40 13.86
C VAL A 185 -3.02 19.78 12.91
N GLY A 186 -3.02 19.12 11.76
CA GLY A 186 -4.07 19.34 10.76
C GLY A 186 -5.05 18.20 10.84
N TYR A 187 -5.44 17.83 12.06
CA TYR A 187 -6.40 16.76 12.37
C TYR A 187 -7.17 17.26 13.58
N GLN A 188 -6.97 18.55 13.82
CA GLN A 188 -7.67 19.23 14.91
C GLN A 188 -8.78 20.09 14.29
N PRO A 189 -9.77 20.57 15.05
CA PRO A 189 -10.84 21.34 14.48
C PRO A 189 -10.54 22.82 14.26
N TYR A 190 -10.92 23.35 13.11
CA TYR A 190 -10.71 24.79 12.83
C TYR A 190 -12.05 25.44 12.51
N ARG A 191 -12.33 26.57 13.12
CA ARG A 191 -13.53 27.30 12.75
C ARG A 191 -13.18 28.23 11.59
N VAL A 192 -14.04 28.25 10.58
CA VAL A 192 -13.84 28.99 9.35
C VAL A 192 -14.96 29.99 9.19
N VAL A 193 -14.63 31.18 8.73
CA VAL A 193 -15.62 32.17 8.35
C VAL A 193 -15.24 32.66 6.96
N VAL A 194 -16.13 32.51 6.00
CA VAL A 194 -15.90 33.03 4.66
C VAL A 194 -16.76 34.27 4.48
N LEU A 195 -16.12 35.39 4.17
CA LEU A 195 -16.80 36.64 3.86
C LEU A 195 -16.85 36.81 2.36
N SER A 196 -18.05 37.04 1.82
CA SER A 196 -18.24 37.26 0.39
C SER A 196 -18.69 38.70 0.18
N PHE A 197 -18.12 39.37 -0.79
CA PHE A 197 -18.49 40.78 -1.04
C PHE A 197 -19.22 40.91 -2.35
N GLU A 198 -20.47 41.36 -2.31
CA GLU A 198 -21.30 41.47 -3.53
C GLU A 198 -21.64 42.94 -3.80
N LEU A 199 -21.45 43.37 -5.03
CA LEU A 199 -21.82 44.75 -5.44
C LEU A 199 -22.81 44.64 -6.57
N LEU A 200 -24.05 45.06 -6.33
CA LEU A 200 -25.06 44.92 -7.38
C LEU A 200 -25.53 46.30 -7.83
N HIS A 201 -26.33 46.30 -8.86
CA HIS A 201 -26.92 47.55 -9.34
C HIS A 201 -28.08 47.94 -8.42
N ALA A 202 -27.75 48.09 -7.15
CA ALA A 202 -28.69 48.33 -6.07
C ALA A 202 -28.01 49.16 -5.00
N PRO A 203 -28.79 49.90 -4.17
CA PRO A 203 -28.20 50.70 -3.09
C PRO A 203 -27.24 49.95 -2.16
N ALA A 204 -25.95 50.27 -2.19
CA ALA A 204 -24.99 49.62 -1.33
C ALA A 204 -25.29 49.94 0.13
N THR A 205 -25.33 48.90 0.97
CA THR A 205 -25.78 49.07 2.34
C THR A 205 -24.72 48.79 3.40
N VAL A 206 -23.55 48.25 3.03
CA VAL A 206 -22.48 47.99 3.97
C VAL A 206 -21.27 48.82 3.54
N CYS A 207 -20.85 49.74 4.40
CA CYS A 207 -19.76 50.65 4.08
C CYS A 207 -18.79 50.70 5.26
N GLY A 208 -17.76 51.53 5.14
CA GLY A 208 -16.71 51.59 6.14
C GLY A 208 -16.71 52.82 7.01
N GLU B 1 -21.68 -11.70 -10.29
CA GLU B 1 -21.36 -11.03 -9.01
C GLU B 1 -20.82 -9.63 -9.28
N VAL B 2 -20.29 -9.02 -8.24
CA VAL B 2 -19.60 -7.72 -8.32
C VAL B 2 -18.16 -8.11 -8.65
N GLN B 3 -17.58 -7.56 -9.69
CA GLN B 3 -16.20 -7.95 -9.98
C GLN B 3 -15.47 -6.83 -10.70
N LEU B 4 -14.19 -6.70 -10.44
CA LEU B 4 -13.39 -5.68 -11.12
C LEU B 4 -12.42 -6.49 -11.96
N VAL B 5 -12.61 -6.46 -13.26
CA VAL B 5 -11.76 -7.21 -14.21
C VAL B 5 -10.68 -6.27 -14.74
N GLU B 6 -9.44 -6.66 -14.58
CA GLU B 6 -8.32 -5.83 -14.97
C GLU B 6 -7.63 -6.41 -16.21
N SER B 7 -6.98 -5.54 -16.98
CA SER B 7 -6.21 -5.98 -18.12
C SER B 7 -5.22 -4.89 -18.52
N GLY B 8 -4.24 -5.27 -19.33
CA GLY B 8 -3.33 -4.32 -19.97
C GLY B 8 -1.91 -4.35 -19.49
N GLY B 9 -1.57 -5.13 -18.49
CA GLY B 9 -0.20 -5.23 -18.07
C GLY B 9 0.67 -5.99 -19.05
N GLY B 10 1.96 -5.95 -18.82
CA GLY B 10 2.91 -6.65 -19.64
C GLY B 10 4.30 -6.05 -19.47
N LEU B 11 5.19 -6.49 -20.36
CA LEU B 11 6.54 -5.98 -20.44
C LEU B 11 6.55 -4.65 -21.18
N ILE B 12 7.44 -3.74 -20.80
CA ILE B 12 7.56 -2.45 -21.49
C ILE B 12 8.93 -1.85 -21.21
N GLN B 13 9.48 -1.15 -22.21
CA GLN B 13 10.83 -0.64 -21.96
C GLN B 13 10.75 0.65 -21.15
N PRO B 14 11.77 1.02 -20.37
CA PRO B 14 11.69 2.27 -19.62
C PRO B 14 11.46 3.43 -20.56
N GLY B 15 10.59 4.37 -20.15
CA GLY B 15 10.12 5.43 -21.00
C GLY B 15 8.88 5.10 -21.80
N GLY B 16 8.43 3.85 -21.79
CA GLY B 16 7.29 3.44 -22.58
C GLY B 16 6.00 3.80 -21.92
N SER B 17 4.90 3.45 -22.59
CA SER B 17 3.58 3.72 -22.08
C SER B 17 2.77 2.44 -22.03
N LEU B 18 1.76 2.45 -21.16
CA LEU B 18 0.96 1.28 -20.87
C LEU B 18 -0.38 1.78 -20.35
N ARG B 19 -1.47 1.16 -20.77
CA ARG B 19 -2.82 1.58 -20.41
C ARG B 19 -3.50 0.44 -19.69
N LEU B 20 -3.72 0.59 -18.39
CA LEU B 20 -4.44 -0.41 -17.62
C LEU B 20 -5.93 -0.15 -17.70
N SER B 21 -6.71 -1.23 -17.71
CA SER B 21 -8.16 -1.16 -17.80
C SER B 21 -8.79 -1.99 -16.69
N CYS B 22 -9.84 -1.43 -16.09
CA CYS B 22 -10.58 -2.09 -15.02
C CYS B 22 -12.06 -1.99 -15.38
N ALA B 23 -12.66 -3.12 -15.74
CA ALA B 23 -14.06 -3.19 -16.15
C ALA B 23 -14.91 -3.63 -14.96
N ALA B 24 -15.81 -2.75 -14.52
CA ALA B 24 -16.60 -2.97 -13.31
C ALA B 24 -17.92 -3.65 -13.61
N SER B 25 -18.34 -4.54 -12.71
CA SER B 25 -19.62 -5.22 -12.81
C SER B 25 -20.17 -5.33 -11.40
N GLY B 26 -21.36 -4.76 -11.16
CA GLY B 26 -21.95 -4.77 -9.83
C GLY B 26 -21.75 -3.52 -8.98
N LEU B 27 -21.03 -2.51 -9.49
CA LEU B 27 -20.97 -1.19 -8.90
C LEU B 27 -20.80 -0.20 -10.04
N ILE B 28 -21.13 1.05 -9.77
CA ILE B 28 -21.01 2.09 -10.78
C ILE B 28 -19.76 2.90 -10.50
N VAL B 29 -18.82 2.88 -11.44
CA VAL B 29 -17.57 3.60 -11.28
C VAL B 29 -17.84 5.08 -11.05
N SER B 30 -18.74 5.67 -11.84
CA SER B 30 -19.11 7.08 -11.74
C SER B 30 -19.59 7.49 -10.36
N SER B 31 -19.93 6.52 -9.50
CA SER B 31 -20.53 6.80 -8.21
C SER B 31 -19.56 6.51 -7.08
N ASN B 32 -18.30 6.21 -7.37
CA ASN B 32 -17.40 5.75 -6.34
C ASN B 32 -16.04 6.41 -6.42
N TYR B 33 -15.41 6.48 -5.26
CA TYR B 33 -13.97 6.60 -5.12
C TYR B 33 -13.30 5.39 -5.74
N MET B 34 -12.71 5.53 -6.91
CA MET B 34 -12.02 4.43 -7.57
C MET B 34 -10.51 4.65 -7.44
N SER B 35 -9.82 3.71 -6.81
CA SER B 35 -8.37 3.87 -6.63
C SER B 35 -7.60 2.83 -7.42
N TRP B 36 -6.39 3.20 -7.82
CA TRP B 36 -5.38 2.25 -8.25
C TRP B 36 -4.40 2.06 -7.10
N VAL B 37 -4.05 0.81 -6.84
CA VAL B 37 -3.09 0.45 -5.82
C VAL B 37 -2.15 -0.61 -6.40
N ARG B 38 -0.87 -0.49 -6.08
CA ARG B 38 0.13 -1.41 -6.63
C ARG B 38 1.00 -2.00 -5.52
N GLN B 39 1.59 -3.15 -5.82
CA GLN B 39 2.34 -3.92 -4.84
C GLN B 39 3.59 -4.46 -5.52
N ALA B 40 4.75 -3.90 -5.17
CA ALA B 40 5.96 -4.36 -5.79
C ALA B 40 6.26 -5.79 -5.30
N PRO B 41 7.15 -6.50 -6.00
CA PRO B 41 7.57 -7.83 -5.52
C PRO B 41 8.09 -7.76 -4.10
N GLY B 42 7.56 -8.68 -3.29
CA GLY B 42 7.94 -8.77 -1.89
C GLY B 42 7.70 -7.55 -1.01
N LYS B 43 7.07 -6.49 -1.52
CA LYS B 43 6.71 -5.39 -0.65
C LYS B 43 5.23 -5.44 -0.26
N GLY B 44 4.69 -4.31 0.16
CA GLY B 44 3.31 -4.22 0.56
C GLY B 44 2.47 -3.42 -0.42
N LEU B 45 1.28 -3.04 0.03
CA LEU B 45 0.30 -2.35 -0.78
C LEU B 45 0.56 -0.83 -0.77
N GLU B 46 0.68 -0.23 -1.96
CA GLU B 46 0.91 1.20 -2.07
C GLU B 46 -0.18 1.83 -2.91
N TRP B 47 -0.79 2.90 -2.40
CA TRP B 47 -1.80 3.64 -3.15
C TRP B 47 -1.17 4.49 -4.25
N VAL B 48 -1.77 4.47 -5.45
CA VAL B 48 -1.25 5.20 -6.61
C VAL B 48 -2.05 6.45 -6.97
N SER B 49 -3.26 6.25 -7.52
CA SER B 49 -4.12 7.37 -7.89
C SER B 49 -5.57 7.00 -7.62
N VAL B 50 -6.41 8.02 -7.56
CA VAL B 50 -7.79 7.90 -7.17
C VAL B 50 -8.64 8.74 -8.12
N LEU B 51 -9.87 8.29 -8.32
CA LEU B 51 -10.85 9.01 -9.12
C LEU B 51 -12.08 9.23 -8.24
N TYR B 52 -12.24 10.44 -7.71
CA TYR B 52 -13.45 10.79 -6.98
C TYR B 52 -14.67 10.59 -7.88
N ALA B 53 -15.81 10.29 -7.25
CA ALA B 53 -17.06 10.22 -8.03
C ALA B 53 -17.34 11.53 -8.75
N GLY B 54 -16.99 12.66 -8.14
CA GLY B 54 -17.26 13.96 -8.75
C GLY B 54 -16.38 14.28 -9.93
N GLY B 55 -15.19 13.67 -10.00
CA GLY B 55 -14.33 13.82 -11.16
C GLY B 55 -12.93 14.29 -10.82
N SER B 56 -12.74 14.74 -9.57
CA SER B 56 -11.41 15.09 -9.09
C SER B 56 -10.48 13.89 -9.20
N THR B 57 -9.19 14.20 -9.26
CA THR B 57 -8.16 13.19 -9.24
C THR B 57 -7.12 13.55 -8.18
N ASP B 58 -6.46 12.52 -7.66
CA ASP B 58 -5.25 12.72 -6.88
C ASP B 58 -4.28 11.60 -7.21
N TYR B 59 -2.99 11.86 -6.99
CA TYR B 59 -1.97 10.90 -7.39
C TYR B 59 -0.89 10.81 -6.32
N ALA B 60 -0.27 9.63 -6.25
CA ALA B 60 0.90 9.45 -5.39
C ALA B 60 2.01 10.39 -5.85
N GLY B 61 2.76 10.92 -4.88
CA GLY B 61 3.84 11.84 -5.20
C GLY B 61 4.76 11.33 -6.30
N SER B 62 5.12 10.06 -6.21
CA SER B 62 6.07 9.41 -7.13
C SER B 62 5.55 9.20 -8.55
N VAL B 63 4.26 9.30 -8.79
CA VAL B 63 3.78 9.12 -10.19
C VAL B 63 3.12 10.40 -10.68
N LYS B 64 3.09 11.40 -9.83
CA LYS B 64 2.46 12.70 -10.13
C LYS B 64 3.04 13.24 -11.42
N GLY B 65 2.27 13.24 -12.48
CA GLY B 65 2.80 13.86 -13.69
C GLY B 65 2.98 12.88 -14.81
N ARG B 66 3.16 11.61 -14.48
CA ARG B 66 3.37 10.60 -15.53
C ARG B 66 2.12 9.76 -15.72
N PHE B 67 1.35 9.59 -14.68
CA PHE B 67 0.14 8.75 -14.78
C PHE B 67 -1.10 9.64 -14.78
N THR B 68 -2.14 9.21 -15.48
CA THR B 68 -3.45 9.87 -15.42
C THR B 68 -4.57 8.82 -15.37
N ILE B 69 -5.38 8.88 -14.28
CA ILE B 69 -6.55 8.01 -14.08
C ILE B 69 -7.75 8.64 -14.76
N SER B 70 -8.67 7.82 -15.23
CA SER B 70 -9.82 8.34 -15.97
C SER B 70 -10.90 7.25 -16.04
N ARG B 71 -11.98 7.51 -16.77
CA ARG B 71 -13.03 6.50 -16.88
C ARG B 71 -13.87 6.75 -18.13
N ASP B 72 -14.67 5.75 -18.48
CA ASP B 72 -15.68 5.81 -19.53
C ASP B 72 -16.98 5.25 -18.95
N ASN B 73 -17.94 6.14 -18.66
CA ASN B 73 -19.19 5.71 -18.04
C ASN B 73 -19.98 4.76 -18.93
N SER B 74 -19.90 4.94 -20.25
CA SER B 74 -20.59 4.04 -21.20
C SER B 74 -20.18 2.58 -21.00
N LYS B 75 -18.88 2.34 -20.87
CA LYS B 75 -18.33 1.01 -20.68
C LYS B 75 -18.17 0.66 -19.21
N ASN B 76 -18.49 1.58 -18.31
CA ASN B 76 -18.35 1.39 -16.87
C ASN B 76 -16.94 0.91 -16.51
N THR B 77 -15.94 1.54 -17.12
CA THR B 77 -14.56 1.08 -17.08
C THR B 77 -13.64 2.15 -16.54
N LEU B 78 -12.81 1.77 -15.55
CA LEU B 78 -11.74 2.60 -15.01
C LEU B 78 -10.46 2.40 -15.82
N TYR B 79 -9.69 3.48 -15.97
CA TYR B 79 -8.48 3.44 -16.76
C TYR B 79 -7.32 3.99 -15.96
N LEU B 80 -6.10 3.65 -16.37
CA LEU B 80 -4.91 4.31 -15.86
C LEU B 80 -3.91 4.41 -17.01
N GLN B 81 -3.56 5.63 -17.38
CA GLN B 81 -2.56 5.87 -18.40
C GLN B 81 -1.19 5.96 -17.74
N MET B 82 -0.25 5.14 -18.21
CA MET B 82 1.07 5.03 -17.58
C MET B 82 2.11 5.40 -18.62
N ASN B 83 2.65 6.60 -18.51
CA ASN B 83 3.65 7.10 -19.44
C ASN B 83 4.93 7.35 -18.66
N SER B 84 6.05 7.34 -19.38
CA SER B 84 7.35 7.63 -18.77
C SER B 84 7.63 6.64 -17.64
N LEU B 85 7.43 5.34 -17.92
CA LEU B 85 7.57 4.30 -16.91
C LEU B 85 9.02 4.08 -16.53
N ARG B 86 9.25 3.81 -15.26
CA ARG B 86 10.59 3.49 -14.79
C ARG B 86 10.62 2.05 -14.27
N ALA B 87 11.80 1.60 -13.86
CA ALA B 87 11.95 0.22 -13.42
C ALA B 87 11.13 -0.04 -12.16
N GLU B 88 11.05 0.95 -11.27
CA GLU B 88 10.35 0.88 -9.98
C GLU B 88 8.84 1.04 -10.10
N ASP B 89 8.30 1.24 -11.29
CA ASP B 89 6.88 1.08 -11.48
C ASP B 89 6.50 -0.39 -11.61
N THR B 90 7.49 -1.28 -11.63
CA THR B 90 7.24 -2.71 -11.71
C THR B 90 6.60 -3.18 -10.41
N ALA B 91 5.40 -3.75 -10.54
CA ALA B 91 4.54 -4.14 -9.44
C ALA B 91 3.33 -4.78 -10.06
N VAL B 92 2.60 -5.55 -9.25
CA VAL B 92 1.23 -5.95 -9.59
C VAL B 92 0.31 -4.78 -9.35
N TYR B 93 -0.56 -4.47 -10.33
CA TYR B 93 -1.44 -3.30 -10.18
C TYR B 93 -2.88 -3.75 -9.95
N TYR B 94 -3.47 -3.25 -8.85
CA TYR B 94 -4.84 -3.55 -8.46
C TYR B 94 -5.70 -2.31 -8.62
N CYS B 95 -6.89 -2.46 -9.21
CA CYS B 95 -7.93 -1.46 -9.06
C CYS B 95 -8.86 -1.92 -7.94
N ALA B 96 -9.42 -0.95 -7.24
CA ALA B 96 -10.26 -1.26 -6.09
C ALA B 96 -11.27 -0.14 -5.86
N ARG B 97 -12.42 -0.51 -5.28
CA ARG B 97 -13.41 0.46 -4.81
C ARG B 97 -13.09 0.84 -3.38
N ASP B 98 -12.87 2.12 -3.15
CA ASP B 98 -12.65 2.61 -1.79
C ASP B 98 -14.00 3.08 -1.29
N ALA B 99 -14.56 2.36 -0.32
CA ALA B 99 -15.75 2.84 0.35
C ALA B 99 -15.41 3.45 1.70
N ALA B 100 -14.24 4.07 1.79
CA ALA B 100 -13.92 4.94 2.90
C ALA B 100 -14.03 4.25 4.26
N VAL B 101 -14.98 4.68 5.07
CA VAL B 101 -15.13 4.14 6.41
C VAL B 101 -15.63 2.70 6.34
N TYR B 102 -16.31 2.31 5.26
CA TYR B 102 -16.79 0.95 5.09
C TYR B 102 -15.74 -0.01 4.50
N GLY B 103 -14.61 0.51 4.05
CA GLY B 103 -13.46 -0.29 3.69
C GLY B 103 -13.28 -0.43 2.18
N ILE B 104 -12.07 -0.82 1.78
CA ILE B 104 -11.81 -1.14 0.38
C ILE B 104 -12.31 -2.55 0.12
N ASP B 105 -13.61 -2.70 -0.22
CA ASP B 105 -14.27 -4.00 -0.22
C ASP B 105 -14.20 -4.74 -1.55
N VAL B 106 -14.02 -4.05 -2.66
CA VAL B 106 -13.99 -4.71 -3.96
C VAL B 106 -12.62 -4.49 -4.56
N TRP B 107 -11.95 -5.57 -4.90
CA TRP B 107 -10.59 -5.54 -5.39
C TRP B 107 -10.55 -6.23 -6.71
N GLY B 108 -9.76 -5.70 -7.62
CA GLY B 108 -9.50 -6.34 -8.88
C GLY B 108 -8.55 -7.50 -8.72
N GLN B 109 -8.18 -8.08 -9.85
CA GLN B 109 -7.62 -9.40 -9.82
C GLN B 109 -6.12 -9.32 -9.84
N GLY B 110 -5.60 -8.16 -10.21
CA GLY B 110 -4.20 -7.92 -10.43
C GLY B 110 -3.87 -7.92 -11.92
N THR B 111 -2.94 -7.06 -12.31
CA THR B 111 -2.33 -7.18 -13.61
C THR B 111 -0.87 -6.76 -13.41
N THR B 112 0.06 -7.53 -13.98
CA THR B 112 1.47 -7.35 -13.66
C THR B 112 2.14 -6.47 -14.71
N VAL B 113 2.91 -5.50 -14.25
CA VAL B 113 3.60 -4.55 -15.10
C VAL B 113 5.09 -4.68 -14.81
N THR B 114 5.85 -5.15 -15.80
CA THR B 114 7.30 -5.23 -15.69
C THR B 114 7.91 -4.18 -16.63
N VAL B 115 8.69 -3.27 -16.07
CA VAL B 115 9.40 -2.26 -16.85
C VAL B 115 10.88 -2.58 -16.76
N SER B 116 11.51 -2.81 -17.91
CA SER B 116 12.85 -3.36 -17.94
C SER B 116 13.49 -3.01 -19.27
N SER B 117 14.81 -2.88 -19.26
CA SER B 117 15.54 -2.71 -20.51
C SER B 117 16.31 -3.96 -20.89
N ALA B 118 16.06 -5.06 -20.19
CA ALA B 118 16.78 -6.28 -20.46
C ALA B 118 16.30 -6.90 -21.75
N SER B 119 17.19 -7.62 -22.40
CA SER B 119 16.81 -8.43 -23.55
C SER B 119 16.35 -9.80 -23.07
N THR B 120 15.38 -10.37 -23.74
CA THR B 120 15.00 -11.70 -23.29
C THR B 120 16.14 -12.65 -23.59
N LYS B 121 16.41 -13.56 -22.67
CA LYS B 121 17.62 -14.35 -22.75
C LYS B 121 17.38 -15.67 -22.04
N GLY B 122 17.79 -16.77 -22.67
CA GLY B 122 17.77 -18.07 -22.04
C GLY B 122 18.86 -18.23 -20.99
N PRO B 123 18.63 -19.10 -20.02
CA PRO B 123 19.54 -19.20 -18.88
C PRO B 123 20.77 -20.04 -19.21
N SER B 124 21.83 -19.81 -18.43
CA SER B 124 22.90 -20.79 -18.25
C SER B 124 22.53 -21.71 -17.10
N VAL B 125 22.92 -22.97 -17.21
CA VAL B 125 22.56 -23.98 -16.24
C VAL B 125 23.87 -24.59 -15.74
N PHE B 126 24.26 -24.22 -14.54
CA PHE B 126 25.52 -24.73 -14.07
C PHE B 126 25.26 -25.76 -13.00
N PRO B 127 26.15 -26.70 -12.79
CA PRO B 127 25.88 -27.72 -11.78
C PRO B 127 26.33 -27.27 -10.39
N LEU B 128 25.47 -27.47 -9.38
CA LEU B 128 25.89 -27.40 -7.97
C LEU B 128 26.22 -28.83 -7.56
N ALA B 129 27.51 -29.18 -7.63
CA ALA B 129 27.95 -30.56 -7.47
C ALA B 129 27.91 -30.98 -6.01
N PRO B 130 27.56 -32.23 -5.73
CA PRO B 130 27.66 -32.73 -4.35
C PRO B 130 29.11 -32.87 -3.94
N SER B 131 29.33 -32.88 -2.64
CA SER B 131 30.67 -32.96 -2.11
C SER B 131 30.84 -34.26 -1.34
N SER B 132 31.94 -34.33 -0.58
CA SER B 132 32.28 -35.49 0.26
C SER B 132 32.49 -35.08 1.72
N GLY B 138 25.31 -39.58 5.93
CA GLY B 138 23.93 -39.77 5.56
C GLY B 138 23.55 -39.15 4.22
N THR B 139 23.28 -37.84 4.21
CA THR B 139 22.62 -37.20 3.10
C THR B 139 23.51 -36.14 2.44
N ALA B 140 23.54 -36.16 1.10
CA ALA B 140 24.19 -35.19 0.25
C ALA B 140 23.18 -34.22 -0.35
N ALA B 141 23.65 -33.04 -0.75
CA ALA B 141 22.81 -32.06 -1.43
C ALA B 141 23.43 -31.75 -2.78
N LEU B 142 22.61 -31.57 -3.80
CA LEU B 142 23.10 -31.19 -5.11
C LEU B 142 22.05 -30.31 -5.76
N GLY B 143 22.41 -29.73 -6.90
CA GLY B 143 21.50 -28.79 -7.51
C GLY B 143 21.97 -28.23 -8.83
N CYS B 144 21.16 -27.29 -9.33
CA CYS B 144 21.39 -26.53 -10.54
C CYS B 144 21.33 -25.04 -10.22
N LEU B 145 22.33 -24.31 -10.65
CA LEU B 145 22.25 -22.87 -10.75
C LEU B 145 21.73 -22.50 -12.14
N VAL B 146 20.60 -21.80 -12.18
CA VAL B 146 19.95 -21.35 -13.40
C VAL B 146 20.18 -19.83 -13.48
N LYS B 147 21.20 -19.40 -14.23
CA LYS B 147 21.67 -18.02 -14.14
C LYS B 147 21.40 -17.21 -15.40
N ASP B 148 21.12 -15.92 -15.20
CA ASP B 148 21.03 -14.88 -16.25
C ASP B 148 19.95 -14.98 -17.34
N TYR B 149 18.73 -15.32 -16.93
CA TYR B 149 17.60 -15.48 -17.87
C TYR B 149 16.63 -14.29 -17.73
N PHE B 150 15.94 -13.95 -18.82
CA PHE B 150 14.96 -12.82 -18.83
C PHE B 150 14.07 -12.94 -20.06
N PRO B 151 12.73 -12.75 -19.93
CA PRO B 151 12.11 -12.42 -18.64
C PRO B 151 11.72 -13.67 -17.83
N GLU B 152 10.75 -13.51 -16.92
CA GLU B 152 10.27 -14.62 -16.07
C GLU B 152 9.21 -15.43 -16.85
N PRO B 153 8.77 -16.62 -16.37
CA PRO B 153 9.51 -17.40 -15.37
C PRO B 153 10.16 -18.65 -15.98
N VAL B 154 11.01 -19.33 -15.19
CA VAL B 154 11.69 -20.58 -15.63
C VAL B 154 11.20 -21.71 -14.71
N THR B 155 11.01 -22.92 -15.26
CA THR B 155 10.50 -24.03 -14.44
C THR B 155 11.59 -25.09 -14.35
N VAL B 156 11.66 -25.78 -13.23
CA VAL B 156 12.71 -26.82 -13.09
C VAL B 156 12.08 -28.14 -12.67
N SER B 157 12.71 -29.23 -13.02
CA SER B 157 12.32 -30.52 -12.47
C SER B 157 13.54 -31.43 -12.54
N TRP B 158 13.43 -32.60 -11.92
CA TRP B 158 14.56 -33.51 -11.78
C TRP B 158 14.30 -34.97 -12.12
N ASN B 159 15.11 -35.48 -13.04
CA ASN B 159 14.89 -36.71 -13.81
C ASN B 159 13.48 -36.77 -14.38
N SER B 160 13.08 -35.67 -15.04
CA SER B 160 11.82 -35.62 -15.76
C SER B 160 10.64 -35.94 -14.85
N GLY B 161 10.73 -35.50 -13.61
CA GLY B 161 9.62 -35.67 -12.68
C GLY B 161 9.65 -36.94 -11.88
N ALA B 162 10.61 -37.83 -12.12
CA ALA B 162 10.73 -39.00 -11.27
C ALA B 162 11.30 -38.68 -9.90
N LEU B 163 11.80 -37.46 -9.71
CA LEU B 163 12.55 -37.08 -8.52
C LEU B 163 11.88 -35.82 -8.01
N THR B 164 11.12 -35.97 -6.94
CA THR B 164 10.42 -34.85 -6.33
C THR B 164 10.63 -34.76 -4.84
N SER B 165 11.04 -35.83 -4.19
CA SER B 165 11.35 -35.77 -2.77
C SER B 165 12.54 -34.87 -2.50
N GLY B 166 12.42 -34.03 -1.50
CA GLY B 166 13.54 -33.22 -1.12
C GLY B 166 13.93 -32.14 -2.11
N VAL B 167 13.14 -31.88 -3.13
CA VAL B 167 13.49 -30.85 -4.10
C VAL B 167 13.07 -29.49 -3.57
N HIS B 168 13.94 -28.50 -3.74
CA HIS B 168 13.62 -27.12 -3.43
C HIS B 168 14.04 -26.27 -4.61
N THR B 169 13.10 -25.57 -5.21
CA THR B 169 13.39 -24.62 -6.28
C THR B 169 13.17 -23.22 -5.72
N PHE B 170 14.19 -22.41 -5.77
CA PHE B 170 13.98 -21.18 -5.03
C PHE B 170 13.29 -20.12 -5.90
N PRO B 171 12.67 -19.13 -5.25
CA PRO B 171 12.22 -17.95 -6.01
C PRO B 171 13.39 -17.28 -6.68
N ALA B 172 13.12 -16.72 -7.85
CA ALA B 172 14.17 -16.02 -8.58
C ALA B 172 14.51 -14.69 -7.91
N VAL B 173 15.76 -14.29 -8.04
CA VAL B 173 16.21 -12.97 -7.63
C VAL B 173 16.54 -12.16 -8.88
N LEU B 174 16.49 -10.85 -8.74
CA LEU B 174 16.81 -9.94 -9.83
C LEU B 174 18.18 -9.38 -9.55
N GLN B 175 19.11 -9.61 -10.46
CA GLN B 175 20.47 -9.17 -10.25
C GLN B 175 20.60 -7.71 -10.67
N SER B 176 21.71 -7.09 -10.27
CA SER B 176 21.93 -5.70 -10.65
C SER B 176 21.98 -5.53 -12.17
N SER B 177 22.22 -6.59 -12.92
CA SER B 177 22.29 -6.53 -14.38
C SER B 177 20.92 -6.56 -15.02
N GLY B 178 19.85 -6.73 -14.23
CA GLY B 178 18.52 -6.79 -14.78
C GLY B 178 18.10 -8.14 -15.26
N LEU B 179 18.95 -9.16 -15.10
CA LEU B 179 18.58 -10.54 -15.37
C LEU B 179 18.15 -11.25 -14.08
N TYR B 180 17.34 -12.28 -14.22
CA TYR B 180 16.92 -13.08 -13.08
C TYR B 180 17.87 -14.27 -12.88
N SER B 181 17.73 -14.91 -11.73
CA SER B 181 18.60 -16.05 -11.42
C SER B 181 17.97 -16.84 -10.29
N LEU B 182 17.88 -18.16 -10.44
CA LEU B 182 17.42 -19.03 -9.36
C LEU B 182 18.28 -20.28 -9.29
N SER B 183 18.18 -20.96 -8.18
CA SER B 183 18.78 -22.26 -8.04
C SER B 183 17.71 -23.24 -7.60
N SER B 184 17.95 -24.51 -7.91
CA SER B 184 17.08 -25.59 -7.49
C SER B 184 18.00 -26.66 -6.95
N VAL B 185 17.71 -27.12 -5.73
CA VAL B 185 18.50 -28.12 -5.01
C VAL B 185 17.63 -29.31 -4.64
N VAL B 186 18.31 -30.41 -4.34
CA VAL B 186 17.67 -31.63 -3.87
C VAL B 186 18.61 -32.34 -2.91
N THR B 187 18.05 -33.02 -1.91
CA THR B 187 18.83 -33.86 -1.01
C THR B 187 18.53 -35.33 -1.31
N VAL B 188 19.60 -36.10 -1.53
CA VAL B 188 19.53 -37.50 -1.92
C VAL B 188 20.54 -38.25 -1.05
N PRO B 189 20.41 -39.57 -0.95
CA PRO B 189 21.35 -40.30 -0.10
C PRO B 189 22.75 -40.29 -0.68
N SER B 190 23.74 -40.09 0.20
CA SER B 190 25.13 -40.11 -0.23
C SER B 190 25.45 -41.37 -1.00
N SER B 191 24.94 -42.51 -0.53
CA SER B 191 25.21 -43.80 -1.13
C SER B 191 24.79 -43.88 -2.59
N SER B 192 23.84 -43.07 -3.04
CA SER B 192 23.44 -43.16 -4.44
C SER B 192 24.31 -42.32 -5.36
N LEU B 193 25.25 -41.56 -4.83
CA LEU B 193 25.98 -40.62 -5.65
C LEU B 193 26.71 -41.34 -6.78
N GLY B 194 27.42 -42.42 -6.46
CA GLY B 194 28.10 -43.16 -7.50
C GLY B 194 27.14 -43.75 -8.53
N THR B 195 25.96 -44.17 -8.10
CA THR B 195 25.12 -44.98 -8.96
C THR B 195 24.02 -44.19 -9.66
N GLN B 196 23.25 -43.42 -8.90
CA GLN B 196 22.06 -42.77 -9.43
C GLN B 196 22.43 -41.56 -10.29
N THR B 197 21.78 -41.44 -11.45
CA THR B 197 21.94 -40.26 -12.30
C THR B 197 20.96 -39.15 -11.92
N TYR B 198 21.49 -37.95 -11.72
CA TYR B 198 20.67 -36.78 -11.40
C TYR B 198 20.82 -35.76 -12.53
N ILE B 199 19.73 -35.49 -13.22
CA ILE B 199 19.69 -34.54 -14.31
C ILE B 199 18.62 -33.51 -13.96
N CYS B 200 18.95 -32.23 -14.07
CA CYS B 200 17.89 -31.24 -13.91
C CYS B 200 17.42 -30.73 -15.27
N ASN B 201 16.12 -30.50 -15.36
CA ASN B 201 15.39 -30.23 -16.58
C ASN B 201 14.91 -28.79 -16.44
N VAL B 202 15.51 -27.87 -17.19
CA VAL B 202 15.15 -26.45 -17.12
C VAL B 202 14.35 -26.09 -18.35
N ASN B 203 13.31 -25.30 -18.16
CA ASN B 203 12.49 -24.85 -19.26
C ASN B 203 12.25 -23.35 -19.11
N HIS B 204 12.54 -22.59 -20.16
CA HIS B 204 12.32 -21.14 -20.18
C HIS B 204 11.55 -20.85 -21.48
N LYS B 205 10.22 -20.84 -21.37
CA LYS B 205 9.39 -20.64 -22.57
C LYS B 205 9.62 -19.33 -23.29
N PRO B 206 9.86 -18.17 -22.63
CA PRO B 206 9.99 -16.93 -23.41
C PRO B 206 11.08 -16.97 -24.44
N SER B 207 12.16 -17.72 -24.22
CA SER B 207 13.23 -17.80 -25.21
C SER B 207 13.28 -19.15 -25.91
N ASN B 208 12.24 -19.98 -25.75
CA ASN B 208 12.19 -21.32 -26.33
C ASN B 208 13.45 -22.12 -25.96
N THR B 209 13.91 -22.00 -24.72
CA THR B 209 15.09 -22.69 -24.25
C THR B 209 14.70 -23.84 -23.35
N LYS B 210 15.27 -25.01 -23.62
CA LYS B 210 15.10 -26.20 -22.82
C LYS B 210 16.49 -26.76 -22.58
N VAL B 211 16.86 -26.96 -21.31
CA VAL B 211 18.18 -27.49 -20.99
C VAL B 211 18.00 -28.68 -20.09
N ASP B 212 18.81 -29.72 -20.29
CA ASP B 212 18.98 -30.76 -19.29
C ASP B 212 20.45 -30.77 -18.93
N LYS B 213 20.75 -30.88 -17.65
CA LYS B 213 22.12 -30.79 -17.20
C LYS B 213 22.37 -31.85 -16.13
N LYS B 214 23.38 -32.68 -16.36
CA LYS B 214 23.70 -33.76 -15.47
C LYS B 214 24.64 -33.28 -14.38
N VAL B 215 24.34 -33.62 -13.14
CA VAL B 215 25.05 -33.13 -11.97
C VAL B 215 25.77 -34.31 -11.37
N GLU B 216 27.07 -34.33 -11.51
CA GLU B 216 27.94 -35.41 -11.07
C GLU B 216 28.78 -34.92 -9.91
N PRO B 217 29.41 -35.82 -9.17
CA PRO B 217 30.48 -35.39 -8.28
C PRO B 217 31.70 -35.00 -9.09
N LYS B 218 32.47 -34.06 -8.54
CA LYS B 218 33.63 -33.48 -9.22
C LYS B 218 34.89 -34.34 -9.04
N SER B 219 35.78 -34.28 -10.03
CA SER B 219 37.05 -35.02 -10.00
C SER B 219 38.29 -34.13 -9.78
N ASP C 1 0.95 13.57 8.09
CA ASP C 1 0.73 12.25 7.50
C ASP C 1 0.76 11.16 8.58
N ILE C 2 -0.04 10.11 8.35
CA ILE C 2 -0.24 9.05 9.33
C ILE C 2 0.49 7.80 8.84
N GLN C 3 1.39 7.29 9.68
CA GLN C 3 2.20 6.10 9.39
C GLN C 3 1.61 4.96 10.19
N MET C 4 1.50 3.77 9.61
CA MET C 4 0.87 2.68 10.38
C MET C 4 1.92 1.64 10.72
N THR C 5 1.81 0.98 11.86
CA THR C 5 2.78 -0.04 12.30
C THR C 5 2.05 -1.30 12.72
N GLN C 6 2.74 -2.44 12.70
CA GLN C 6 2.16 -3.77 13.02
C GLN C 6 3.04 -4.53 13.99
N SER C 7 2.44 -4.81 15.16
CA SER C 7 2.99 -5.45 16.39
C SER C 7 4.17 -6.37 16.11
N PRO C 8 3.95 -7.67 15.85
CA PRO C 8 5.01 -8.58 15.48
C PRO C 8 4.99 -8.67 13.96
N SER C 9 6.14 -8.73 13.33
CA SER C 9 6.25 -8.83 11.86
C SER C 9 5.76 -10.17 11.40
N SER C 10 6.02 -11.18 12.21
CA SER C 10 5.53 -12.53 11.87
C SER C 10 5.29 -13.27 13.16
N LEU C 11 4.29 -14.12 13.16
CA LEU C 11 4.02 -14.93 14.36
C LEU C 11 3.58 -16.32 13.92
N SER C 12 3.84 -17.29 14.77
CA SER C 12 3.54 -18.70 14.53
C SER C 12 2.34 -19.10 15.35
N ALA C 13 1.51 -20.00 14.80
CA ALA C 13 0.29 -20.42 15.47
C ALA C 13 -0.05 -21.82 14.99
N SER C 14 -0.80 -22.54 15.82
CA SER C 14 -1.29 -23.87 15.46
C SER C 14 -2.78 -23.78 15.16
N VAL C 15 -3.29 -24.75 14.40
CA VAL C 15 -4.72 -24.70 14.12
C VAL C 15 -5.44 -24.81 15.45
N GLY C 16 -6.54 -24.09 15.59
CA GLY C 16 -7.25 -24.05 16.85
C GLY C 16 -6.72 -23.06 17.86
N ASP C 17 -5.68 -22.30 17.54
CA ASP C 17 -5.17 -21.25 18.43
C ASP C 17 -6.01 -19.97 18.33
N ARG C 18 -5.80 -19.11 19.32
CA ARG C 18 -6.41 -17.79 19.42
C ARG C 18 -5.32 -16.76 19.19
N VAL C 19 -5.40 -16.04 18.06
CA VAL C 19 -4.31 -15.20 17.57
C VAL C 19 -4.72 -13.74 17.62
N THR C 20 -3.75 -12.88 17.96
CA THR C 20 -3.96 -11.46 18.18
C THR C 20 -2.89 -10.68 17.42
N ILE C 21 -3.30 -9.97 16.36
CA ILE C 21 -2.45 -9.04 15.62
C ILE C 21 -2.76 -7.64 16.14
N THR C 22 -1.72 -6.84 16.34
CA THR C 22 -1.96 -5.45 16.70
C THR C 22 -1.47 -4.54 15.58
N CYS C 23 -1.92 -3.29 15.64
CA CYS C 23 -1.66 -2.28 14.65
C CYS C 23 -1.71 -0.96 15.38
N ARG C 24 -0.88 -0.01 14.97
CA ARG C 24 -0.81 1.27 15.68
C ARG C 24 -0.72 2.40 14.67
N ALA C 25 -1.60 3.37 14.78
CA ALA C 25 -1.54 4.55 13.91
C ALA C 25 -0.71 5.66 14.56
N SER C 26 0.11 6.33 13.75
CA SER C 26 1.04 7.34 14.26
C SER C 26 0.36 8.61 14.78
N GLN C 27 -0.96 8.59 14.82
CA GLN C 27 -1.77 9.71 15.33
C GLN C 27 -3.17 9.16 15.56
N SER C 28 -3.88 9.62 16.58
CA SER C 28 -5.24 9.15 16.85
C SER C 28 -6.12 9.30 15.61
N ILE C 29 -6.72 8.18 15.18
CA ILE C 29 -7.60 8.12 14.01
C ILE C 29 -8.99 7.65 14.39
N SER C 30 -9.35 7.77 15.67
CA SER C 30 -10.65 7.33 16.15
C SER C 30 -10.70 5.88 15.72
N SER C 31 -11.79 5.48 15.06
CA SER C 31 -11.98 4.10 14.65
C SER C 31 -12.10 3.88 13.14
N TYR C 32 -11.41 4.72 12.36
CA TYR C 32 -11.37 4.61 10.90
C TYR C 32 -10.27 3.64 10.44
N LEU C 33 -10.38 2.38 10.85
CA LEU C 33 -9.30 1.43 10.64
C LEU C 33 -9.84 0.09 10.17
N ASN C 34 -9.32 -0.41 9.05
CA ASN C 34 -9.79 -1.65 8.43
C ASN C 34 -8.65 -2.69 8.37
N TRP C 35 -9.05 -3.96 8.43
CA TRP C 35 -8.12 -5.08 8.43
C TRP C 35 -8.29 -5.89 7.14
N TYR C 36 -7.18 -6.41 6.61
CA TYR C 36 -7.18 -7.15 5.36
C TYR C 36 -6.37 -8.43 5.50
N GLN C 37 -6.76 -9.44 4.73
CA GLN C 37 -6.04 -10.70 4.60
C GLN C 37 -5.44 -10.75 3.20
N GLN C 38 -4.24 -11.32 3.08
CA GLN C 38 -3.62 -11.61 1.79
C GLN C 38 -2.80 -12.89 1.86
N LYS C 39 -3.08 -13.83 0.93
CA LYS C 39 -2.38 -15.04 0.57
C LYS C 39 -1.54 -14.76 -0.67
N PRO C 40 -0.42 -15.45 -0.83
CA PRO C 40 0.48 -15.13 -1.95
C PRO C 40 -0.21 -15.27 -3.30
N GLY C 41 0.01 -14.28 -4.18
CA GLY C 41 -0.48 -14.32 -5.55
C GLY C 41 -1.92 -13.93 -5.76
N LYS C 42 -2.60 -13.43 -4.75
CA LYS C 42 -3.97 -13.02 -4.92
C LYS C 42 -4.21 -11.67 -4.25
N ALA C 43 -5.37 -11.09 -4.52
CA ALA C 43 -5.64 -9.73 -4.10
C ALA C 43 -6.12 -9.70 -2.65
N PRO C 44 -5.93 -8.58 -1.95
CA PRO C 44 -6.37 -8.51 -0.55
C PRO C 44 -7.87 -8.70 -0.40
N LYS C 45 -8.26 -9.15 0.78
CA LYS C 45 -9.63 -9.46 1.14
C LYS C 45 -9.98 -8.69 2.40
N LEU C 46 -10.99 -7.83 2.33
CA LEU C 46 -11.40 -7.05 3.49
C LEU C 46 -11.99 -7.94 4.57
N LEU C 47 -11.45 -7.85 5.80
CA LEU C 47 -11.92 -8.64 6.93
C LEU C 47 -12.78 -7.85 7.91
N ILE C 48 -12.31 -6.68 8.32
CA ILE C 48 -12.94 -5.83 9.31
C ILE C 48 -13.02 -4.43 8.73
N TYR C 49 -14.15 -3.75 8.91
CA TYR C 49 -14.21 -2.31 8.63
C TYR C 49 -14.66 -1.56 9.88
N ALA C 50 -14.28 -0.30 9.95
CA ALA C 50 -14.53 0.56 11.11
C ALA C 50 -14.10 -0.13 12.41
N ALA C 51 -12.88 -0.65 12.40
CA ALA C 51 -12.24 -1.20 13.60
C ALA C 51 -12.87 -2.52 14.04
N SER C 52 -14.20 -2.59 14.18
CA SER C 52 -14.80 -3.82 14.71
C SER C 52 -16.02 -4.41 14.02
N SER C 53 -16.45 -3.86 12.88
CA SER C 53 -17.56 -4.47 12.14
C SER C 53 -17.05 -5.61 11.25
N LEU C 54 -17.79 -6.71 11.25
CA LEU C 54 -17.41 -7.87 10.46
C LEU C 54 -17.90 -7.69 9.03
N GLN C 55 -16.99 -7.83 8.07
CA GLN C 55 -17.41 -7.73 6.68
C GLN C 55 -18.30 -8.90 6.31
N SER C 56 -19.28 -8.64 5.43
CA SER C 56 -20.15 -9.70 4.91
C SER C 56 -19.35 -10.88 4.35
N GLY C 57 -19.79 -12.09 4.67
CA GLY C 57 -19.16 -13.30 4.18
C GLY C 57 -17.83 -13.67 4.81
N VAL C 58 -17.51 -13.13 5.97
CA VAL C 58 -16.22 -13.36 6.62
C VAL C 58 -16.49 -14.10 7.92
N PRO C 59 -15.79 -15.20 8.20
CA PRO C 59 -16.14 -16.04 9.36
C PRO C 59 -16.08 -15.25 10.66
N SER C 60 -16.99 -15.59 11.57
CA SER C 60 -17.12 -14.84 12.81
C SER C 60 -15.99 -15.14 13.79
N ARG C 61 -15.06 -16.02 13.45
CA ARG C 61 -13.86 -16.13 14.29
C ARG C 61 -12.97 -14.89 14.16
N PHE C 62 -13.23 -14.04 13.17
CA PHE C 62 -12.52 -12.77 12.97
C PHE C 62 -13.22 -11.65 13.72
N SER C 63 -12.44 -10.80 14.36
CA SER C 63 -13.04 -9.70 15.08
C SER C 63 -11.98 -8.63 15.31
N GLY C 64 -12.43 -7.37 15.34
CA GLY C 64 -11.55 -6.25 15.56
C GLY C 64 -11.92 -5.51 16.84
N SER C 65 -11.01 -4.66 17.28
CA SER C 65 -11.27 -3.81 18.43
C SER C 65 -10.20 -2.73 18.49
N GLY C 66 -10.60 -1.58 19.01
CA GLY C 66 -9.69 -0.47 19.28
C GLY C 66 -10.30 0.83 18.83
N SER C 67 -9.73 1.92 19.34
CA SER C 67 -10.00 3.27 18.86
C SER C 67 -8.85 4.17 19.32
N GLY C 68 -8.54 5.17 18.52
CA GLY C 68 -7.43 6.04 18.84
C GLY C 68 -6.17 5.60 18.13
N THR C 69 -5.12 5.31 18.89
CA THR C 69 -3.88 4.86 18.28
C THR C 69 -3.75 3.34 18.16
N ASP C 70 -4.51 2.56 18.92
CA ASP C 70 -4.20 1.13 18.99
C ASP C 70 -5.40 0.26 18.64
N PHE C 71 -5.10 -0.79 17.87
CA PHE C 71 -6.12 -1.66 17.32
C PHE C 71 -5.65 -3.12 17.36
N THR C 72 -6.62 -4.04 17.41
CA THR C 72 -6.31 -5.45 17.52
C THR C 72 -7.22 -6.26 16.61
N LEU C 73 -6.63 -7.23 15.92
CA LEU C 73 -7.39 -8.24 15.19
C LEU C 73 -7.20 -9.59 15.88
N THR C 74 -8.32 -10.25 16.18
CA THR C 74 -8.32 -11.55 16.84
C THR C 74 -8.90 -12.59 15.89
N ILE C 75 -8.35 -13.80 15.92
CA ILE C 75 -8.97 -14.97 15.31
C ILE C 75 -9.22 -15.95 16.43
N SER C 76 -10.49 -16.27 16.70
CA SER C 76 -10.74 -17.01 17.94
C SER C 76 -10.21 -18.44 17.87
N SER C 77 -10.40 -19.13 16.74
CA SER C 77 -9.89 -20.50 16.57
C SER C 77 -9.33 -20.63 15.15
N LEU C 78 -8.01 -20.43 15.01
CA LEU C 78 -7.31 -20.43 13.72
C LEU C 78 -7.73 -21.69 12.97
N GLN C 79 -8.29 -21.53 11.76
CA GLN C 79 -8.55 -22.53 10.72
C GLN C 79 -7.34 -22.61 9.79
N PRO C 80 -7.13 -23.78 9.16
CA PRO C 80 -6.00 -23.94 8.24
C PRO C 80 -5.95 -22.93 7.11
N GLU C 81 -7.08 -22.37 6.71
CA GLU C 81 -7.11 -21.38 5.64
C GLU C 81 -6.67 -19.99 6.09
N ASP C 82 -6.48 -19.78 7.38
CA ASP C 82 -6.12 -18.49 7.94
C ASP C 82 -4.62 -18.20 7.92
N PHE C 83 -3.79 -19.17 7.56
CA PHE C 83 -2.36 -18.91 7.47
C PHE C 83 -2.10 -18.02 6.27
N ALA C 84 -1.72 -16.77 6.53
CA ALA C 84 -1.66 -15.76 5.48
C ALA C 84 -1.01 -14.53 6.10
N THR C 85 -1.05 -13.42 5.38
CA THR C 85 -0.48 -12.16 5.82
C THR C 85 -1.60 -11.14 6.01
N TYR C 86 -1.53 -10.38 7.09
CA TYR C 86 -2.65 -9.54 7.51
C TYR C 86 -2.18 -8.10 7.59
N TYR C 87 -2.91 -7.21 6.92
CA TYR C 87 -2.54 -5.80 6.86
C TYR C 87 -3.64 -4.98 7.49
N CYS C 88 -3.25 -3.88 8.13
CA CYS C 88 -4.20 -2.87 8.53
C CYS C 88 -4.14 -1.67 7.59
N GLN C 89 -5.25 -0.95 7.50
CA GLN C 89 -5.35 0.22 6.63
C GLN C 89 -6.18 1.28 7.32
N GLN C 90 -5.74 2.53 7.32
CA GLN C 90 -6.51 3.61 7.97
C GLN C 90 -7.32 4.35 6.89
N SER C 91 -8.50 4.82 7.22
CA SER C 91 -9.33 5.53 6.22
C SER C 91 -9.69 6.92 6.74
N TYR C 92 -8.96 7.39 7.73
CA TYR C 92 -9.22 8.74 8.27
C TYR C 92 -9.05 9.71 7.12
N THR C 93 -7.94 9.59 6.42
CA THR C 93 -7.64 10.54 5.32
C THR C 93 -8.07 9.97 3.98
N THR C 94 -9.30 9.51 3.88
CA THR C 94 -9.81 8.92 2.63
C THR C 94 -9.88 10.00 1.57
N PRO C 95 -9.63 9.74 0.28
CA PRO C 95 -9.26 8.43 -0.21
C PRO C 95 -7.78 8.19 -0.30
N LEU C 96 -7.01 8.93 0.47
CA LEU C 96 -5.54 8.73 0.46
C LEU C 96 -5.22 7.82 1.64
N PHE C 97 -5.34 6.53 1.41
CA PHE C 97 -5.15 5.55 2.50
C PHE C 97 -3.72 5.06 2.57
N THR C 98 -3.26 4.82 3.79
CA THR C 98 -1.98 4.20 4.04
C THR C 98 -2.20 2.83 4.65
N PHE C 99 -1.36 1.88 4.28
CA PHE C 99 -1.42 0.50 4.73
C PHE C 99 -0.36 0.22 5.78
N GLY C 100 -0.64 -0.70 6.68
CA GLY C 100 0.38 -1.25 7.55
C GLY C 100 1.39 -2.11 6.80
N PRO C 101 2.52 -2.40 7.44
CA PRO C 101 3.56 -3.18 6.76
C PRO C 101 3.26 -4.68 6.64
N GLY C 102 2.34 -5.21 7.44
CA GLY C 102 1.91 -6.60 7.35
C GLY C 102 2.31 -7.43 8.57
N THR C 103 1.54 -8.48 8.82
CA THR C 103 1.95 -9.53 9.76
C THR C 103 1.71 -10.86 9.07
N LYS C 104 2.76 -11.67 8.96
CA LYS C 104 2.62 -13.01 8.41
C LYS C 104 2.34 -13.97 9.55
N VAL C 105 1.36 -14.85 9.37
CA VAL C 105 1.07 -15.91 10.31
C VAL C 105 1.47 -17.21 9.64
N ASP C 106 2.46 -17.88 10.18
CA ASP C 106 2.77 -19.16 9.59
C ASP C 106 2.42 -20.27 10.56
N ILE C 107 2.84 -21.49 10.21
CA ILE C 107 2.43 -22.69 10.91
C ILE C 107 3.51 -23.03 11.94
N LYS C 108 3.11 -23.08 13.23
CA LYS C 108 4.07 -23.38 14.28
C LYS C 108 4.53 -24.82 14.15
N ARG C 109 5.70 -25.09 14.69
CA ARG C 109 6.36 -26.35 14.44
C ARG C 109 7.52 -26.42 15.43
N THR C 110 8.02 -27.62 15.73
CA THR C 110 9.16 -27.63 16.64
C THR C 110 10.36 -27.01 15.94
N VAL C 111 11.36 -26.59 16.72
CA VAL C 111 12.51 -25.92 16.15
C VAL C 111 13.39 -26.94 15.43
N ALA C 112 13.90 -26.56 14.26
CA ALA C 112 14.76 -27.40 13.43
C ALA C 112 15.92 -26.57 12.90
N ALA C 113 17.17 -27.01 13.20
CA ALA C 113 18.35 -26.31 12.72
C ALA C 113 18.57 -26.61 11.23
N PRO C 114 19.16 -25.68 10.49
CA PRO C 114 19.37 -25.92 9.05
C PRO C 114 20.50 -26.90 8.83
N SER C 115 20.42 -27.62 7.72
CA SER C 115 21.57 -28.29 7.16
C SER C 115 22.24 -27.35 6.17
N VAL C 116 23.51 -27.09 6.39
CA VAL C 116 24.24 -26.09 5.61
C VAL C 116 25.16 -26.81 4.63
N PHE C 117 25.17 -26.33 3.39
CA PHE C 117 26.04 -26.82 2.34
C PHE C 117 26.59 -25.64 1.55
N ILE C 118 27.89 -25.67 1.28
CA ILE C 118 28.51 -24.68 0.43
C ILE C 118 28.92 -25.32 -0.90
N PHE C 119 28.66 -24.61 -1.98
CA PHE C 119 28.86 -25.12 -3.33
C PHE C 119 29.84 -24.23 -4.10
N PRO C 120 31.02 -24.70 -4.43
CA PRO C 120 31.96 -23.89 -5.23
C PRO C 120 31.35 -23.53 -6.57
N PRO C 121 31.92 -22.59 -7.31
CA PRO C 121 31.44 -22.34 -8.66
C PRO C 121 31.90 -23.45 -9.57
N SER C 122 31.05 -23.85 -10.51
CA SER C 122 31.48 -24.82 -11.50
C SER C 122 32.58 -24.22 -12.37
N ASP C 123 33.37 -25.10 -12.99
CA ASP C 123 34.38 -24.63 -13.93
C ASP C 123 33.76 -24.19 -15.25
N GLU C 124 32.56 -24.68 -15.59
CA GLU C 124 31.81 -24.10 -16.69
C GLU C 124 31.66 -22.60 -16.47
N GLN C 125 31.05 -22.21 -15.35
CA GLN C 125 30.82 -20.79 -15.10
C GLN C 125 32.11 -20.01 -15.05
N LEU C 126 33.20 -20.62 -14.57
CA LEU C 126 34.47 -19.90 -14.49
C LEU C 126 35.05 -19.59 -15.86
N LYS C 127 34.70 -20.35 -16.90
CA LYS C 127 35.09 -19.96 -18.26
C LYS C 127 34.46 -18.63 -18.65
N SER C 128 33.15 -18.51 -18.47
CA SER C 128 32.43 -17.31 -18.87
C SER C 128 32.94 -16.05 -18.17
N GLY C 129 33.71 -16.18 -17.09
CA GLY C 129 34.30 -15.04 -16.42
C GLY C 129 33.67 -14.68 -15.09
N THR C 130 32.57 -15.29 -14.69
CA THR C 130 31.96 -15.01 -13.40
C THR C 130 32.11 -16.22 -12.48
N ALA C 131 32.04 -15.97 -11.18
CA ALA C 131 32.05 -17.04 -10.19
C ALA C 131 30.88 -16.86 -9.24
N SER C 132 30.02 -17.87 -9.16
CA SER C 132 28.89 -17.86 -8.23
C SER C 132 29.16 -18.89 -7.15
N VAL C 133 29.14 -18.47 -5.89
CA VAL C 133 29.28 -19.38 -4.77
C VAL C 133 27.94 -19.43 -4.05
N VAL C 134 27.45 -20.64 -3.73
CA VAL C 134 26.09 -20.79 -3.23
C VAL C 134 26.13 -21.41 -1.84
N CYS C 135 25.30 -20.87 -0.95
CA CYS C 135 25.11 -21.42 0.38
C CYS C 135 23.65 -21.84 0.53
N LEU C 136 23.44 -23.10 0.88
CA LEU C 136 22.10 -23.65 1.04
C LEU C 136 21.81 -23.90 2.52
N LEU C 137 20.67 -23.41 3.00
CA LEU C 137 20.19 -23.71 4.34
C LEU C 137 18.92 -24.50 4.14
N ASN C 138 18.94 -25.76 4.55
CA ASN C 138 17.89 -26.71 4.18
C ASN C 138 17.05 -27.11 5.37
N ASN C 139 15.72 -26.96 5.22
CA ASN C 139 14.73 -27.53 6.13
C ASN C 139 14.90 -27.06 7.57
N PHE C 140 14.78 -25.77 7.78
CA PHE C 140 14.94 -25.19 9.11
C PHE C 140 13.65 -24.48 9.53
N TYR C 141 13.47 -24.36 10.85
CA TYR C 141 12.35 -23.62 11.41
C TYR C 141 12.82 -23.09 12.75
N PRO C 142 12.53 -21.84 13.09
CA PRO C 142 11.68 -20.88 12.38
C PRO C 142 12.44 -20.12 11.32
N ARG C 143 11.73 -19.24 10.62
CA ARG C 143 12.24 -18.65 9.40
C ARG C 143 13.45 -17.75 9.63
N GLU C 144 13.56 -17.23 10.83
CA GLU C 144 14.65 -16.26 11.11
C GLU C 144 16.00 -16.97 11.12
N ALA C 145 16.87 -16.63 10.17
CA ALA C 145 18.21 -17.22 10.00
C ALA C 145 19.16 -16.19 9.43
N LYS C 146 20.42 -16.22 9.79
CA LYS C 146 21.33 -15.22 9.20
C LYS C 146 22.56 -15.89 8.57
N VAL C 147 22.88 -15.49 7.35
CA VAL C 147 24.02 -16.04 6.58
C VAL C 147 25.10 -14.97 6.46
N GLN C 148 26.32 -15.38 6.54
CA GLN C 148 27.45 -14.44 6.54
C GLN C 148 28.56 -15.03 5.68
N TRP C 149 28.87 -14.36 4.58
CA TRP C 149 29.99 -14.78 3.75
C TRP C 149 31.29 -14.19 4.29
N LYS C 150 32.29 -15.04 4.46
CA LYS C 150 33.66 -14.63 4.64
C LYS C 150 34.48 -15.12 3.45
N VAL C 151 35.39 -14.28 2.97
CA VAL C 151 36.38 -14.66 1.97
C VAL C 151 37.74 -14.45 2.62
N ASP C 152 38.53 -15.52 2.68
CA ASP C 152 39.80 -15.51 3.42
C ASP C 152 39.67 -14.80 4.76
N ASN C 153 38.54 -15.01 5.46
CA ASN C 153 38.10 -14.40 6.73
C ASN C 153 37.64 -12.97 6.68
N ALA C 154 37.59 -12.30 5.54
CA ALA C 154 37.03 -10.95 5.44
C ALA C 154 35.53 -11.05 5.17
N LEU C 155 34.72 -10.42 6.03
CA LEU C 155 33.28 -10.52 5.87
C LEU C 155 32.82 -9.73 4.65
N GLN C 156 31.93 -10.31 3.86
CA GLN C 156 31.46 -9.68 2.63
C GLN C 156 30.16 -8.93 2.86
N SER C 157 29.99 -7.83 2.13
CA SER C 157 28.81 -7.00 2.34
C SER C 157 27.94 -6.91 1.10
N GLY C 158 28.32 -6.16 0.08
CA GLY C 158 27.31 -5.89 -0.92
C GLY C 158 27.22 -6.79 -2.15
N ASN C 159 27.60 -8.05 -2.02
CA ASN C 159 27.75 -8.92 -3.18
C ASN C 159 27.07 -10.27 -2.99
N SER C 160 25.97 -10.30 -2.25
CA SER C 160 25.24 -11.54 -2.07
C SER C 160 23.75 -11.27 -2.16
N GLN C 161 23.02 -12.26 -2.68
CA GLN C 161 21.57 -12.20 -2.75
C GLN C 161 21.00 -13.46 -2.13
N GLU C 162 19.80 -13.35 -1.57
CA GLU C 162 19.18 -14.43 -0.83
C GLU C 162 17.79 -14.68 -1.36
N SER C 163 17.36 -15.91 -1.17
CA SER C 163 16.05 -16.36 -1.61
C SER C 163 15.59 -17.42 -0.62
N VAL C 164 14.29 -17.42 -0.32
CA VAL C 164 13.77 -18.35 0.67
C VAL C 164 12.47 -18.93 0.14
N THR C 165 12.21 -20.18 0.46
CA THR C 165 11.03 -20.85 -0.05
C THR C 165 9.84 -20.51 0.82
N GLU C 166 8.64 -20.76 0.29
CA GLU C 166 7.50 -20.75 1.18
C GLU C 166 7.64 -21.91 2.16
N GLN C 167 6.85 -21.84 3.23
CA GLN C 167 6.84 -22.91 4.22
C GLN C 167 6.40 -24.21 3.57
N ASP C 168 7.19 -25.27 3.77
CA ASP C 168 6.97 -26.53 3.06
C ASP C 168 5.58 -27.07 3.29
N SER C 169 5.01 -27.64 2.23
CA SER C 169 3.66 -28.17 2.32
C SER C 169 3.60 -29.30 3.34
N LYS C 170 4.69 -29.99 3.57
CA LYS C 170 4.60 -31.16 4.42
C LYS C 170 5.61 -31.17 5.59
N ASP C 171 6.73 -30.43 5.51
CA ASP C 171 7.68 -30.19 6.59
C ASP C 171 7.21 -29.14 7.59
N SER C 172 6.52 -28.11 7.09
CA SER C 172 6.38 -26.81 7.74
C SER C 172 7.71 -26.09 7.95
N THR C 173 8.77 -26.43 7.22
CA THR C 173 10.07 -25.78 7.38
C THR C 173 10.33 -24.85 6.20
N TYR C 174 11.44 -24.13 6.27
CA TYR C 174 11.91 -23.21 5.24
C TYR C 174 13.25 -23.68 4.76
N SER C 175 13.58 -23.32 3.53
CA SER C 175 14.93 -23.50 3.03
C SER C 175 15.33 -22.19 2.40
N LEU C 176 16.63 -21.91 2.42
CA LEU C 176 17.15 -20.62 1.98
C LEU C 176 18.42 -20.86 1.20
N SER C 177 18.64 -20.11 0.13
CA SER C 177 19.93 -20.12 -0.53
C SER C 177 20.45 -18.69 -0.60
N SER C 178 21.77 -18.56 -0.47
CA SER C 178 22.43 -17.29 -0.59
C SER C 178 23.54 -17.44 -1.64
N THR C 179 23.70 -16.44 -2.49
CA THR C 179 24.61 -16.54 -3.61
C THR C 179 25.57 -15.37 -3.56
N LEU C 180 26.86 -15.67 -3.50
CA LEU C 180 27.93 -14.68 -3.53
C LEU C 180 28.45 -14.63 -4.97
N THR C 181 28.42 -13.45 -5.58
CA THR C 181 28.78 -13.35 -7.00
C THR C 181 30.08 -12.56 -7.10
N LEU C 182 31.14 -13.24 -7.52
CA LEU C 182 32.44 -12.61 -7.70
C LEU C 182 32.93 -12.68 -9.15
N SER C 183 33.78 -11.73 -9.49
CA SER C 183 34.52 -11.82 -10.73
C SER C 183 35.46 -13.04 -10.71
N LYS C 184 35.77 -13.59 -11.88
CA LYS C 184 36.76 -14.68 -11.89
C LYS C 184 38.13 -14.16 -11.47
N ALA C 185 38.50 -12.96 -11.90
CA ALA C 185 39.77 -12.38 -11.46
C ALA C 185 39.80 -12.23 -9.95
N ASP C 186 38.71 -11.71 -9.37
CA ASP C 186 38.66 -11.56 -7.92
C ASP C 186 38.57 -12.90 -7.22
N TYR C 187 37.81 -13.82 -7.79
CA TYR C 187 37.66 -15.14 -7.20
C TYR C 187 39.02 -15.81 -7.02
N GLU C 188 39.92 -15.59 -7.95
CA GLU C 188 41.11 -16.40 -7.96
C GLU C 188 42.24 -15.81 -7.15
N LYS C 189 42.08 -14.59 -6.64
CA LYS C 189 43.07 -14.08 -5.73
C LYS C 189 42.76 -14.39 -4.26
N HIS C 190 41.92 -15.40 -3.99
CA HIS C 190 41.59 -15.70 -2.61
C HIS C 190 41.39 -17.19 -2.42
N LYS C 191 41.60 -17.64 -1.20
CA LYS C 191 41.73 -19.06 -0.92
C LYS C 191 40.51 -19.69 -0.27
N VAL C 192 40.05 -19.13 0.84
CA VAL C 192 39.09 -19.79 1.72
C VAL C 192 37.73 -19.10 1.60
N TYR C 193 36.75 -19.83 1.08
CA TYR C 193 35.39 -19.33 0.93
C TYR C 193 34.54 -19.99 2.01
N ALA C 194 33.89 -19.20 2.85
CA ALA C 194 33.17 -19.76 3.99
C ALA C 194 31.76 -19.20 4.15
N CYS C 195 30.89 -20.06 4.63
CA CYS C 195 29.46 -19.76 4.88
C CYS C 195 29.21 -19.87 6.37
N GLU C 196 28.95 -18.76 7.05
CA GLU C 196 28.68 -18.81 8.50
C GLU C 196 27.20 -18.56 8.69
N VAL C 197 26.48 -19.53 9.22
CA VAL C 197 25.04 -19.51 9.45
C VAL C 197 24.78 -19.46 10.94
N THR C 198 23.82 -18.64 11.35
CA THR C 198 23.38 -18.64 12.73
C THR C 198 21.86 -18.77 12.73
N HIS C 199 21.36 -19.65 13.59
CA HIS C 199 19.94 -19.91 13.70
C HIS C 199 19.63 -20.34 15.12
N GLN C 200 18.39 -20.10 15.52
CA GLN C 200 17.96 -20.41 16.89
C GLN C 200 18.18 -21.88 17.23
N GLY C 201 18.01 -22.76 16.25
CA GLY C 201 18.18 -24.14 16.59
C GLY C 201 19.60 -24.62 16.65
N LEU C 202 20.59 -23.75 16.50
CA LEU C 202 21.99 -24.15 16.58
C LEU C 202 22.62 -23.61 17.86
N SER C 203 23.47 -24.43 18.46
CA SER C 203 24.14 -24.06 19.70
C SER C 203 24.97 -22.78 19.50
N SER C 204 25.91 -22.83 18.58
CA SER C 204 26.73 -21.69 18.16
C SER C 204 26.81 -21.74 16.64
N PRO C 205 27.26 -20.68 15.98
CA PRO C 205 27.11 -20.62 14.52
C PRO C 205 27.83 -21.76 13.82
N VAL C 206 27.33 -22.15 12.65
CA VAL C 206 27.89 -23.24 11.88
C VAL C 206 28.60 -22.65 10.68
N THR C 207 29.69 -23.28 10.27
CA THR C 207 30.47 -22.78 9.16
C THR C 207 30.80 -23.93 8.23
N LYS C 208 30.31 -23.85 7.00
CA LYS C 208 30.82 -24.69 5.93
C LYS C 208 31.75 -23.86 5.07
N SER C 209 32.72 -24.52 4.46
CA SER C 209 33.71 -23.78 3.69
C SER C 209 34.45 -24.72 2.76
N PHE C 210 35.26 -24.14 1.90
CA PHE C 210 36.10 -24.90 0.97
C PHE C 210 37.28 -24.03 0.59
N ASN C 211 38.33 -24.67 0.14
CA ASN C 211 39.55 -23.99 -0.33
C ASN C 211 39.50 -24.02 -1.84
N ARG C 212 39.75 -22.90 -2.49
CA ARG C 212 39.64 -22.88 -3.96
C ARG C 212 40.65 -23.82 -4.57
N GLY C 213 40.21 -24.72 -5.45
CA GLY C 213 41.11 -25.66 -6.12
C GLY C 213 41.45 -26.91 -5.31
N GLU C 214 40.73 -27.22 -4.24
CA GLU C 214 41.01 -28.47 -3.49
C GLU C 214 39.72 -29.30 -3.35
#